data_1O5X
#
_entry.id   1O5X
#
_cell.length_a   53.491
_cell.length_b   50.900
_cell.length_c   89.010
_cell.angle_alpha   90.00
_cell.angle_beta   91.90
_cell.angle_gamma   90.00
#
_symmetry.space_group_name_H-M   'P 1 21 1'
#
loop_
_entity.id
_entity.type
_entity.pdbx_description
1 polymer 'Triosephosphate isomerase'
2 non-polymer 'PHOSPHITE ION'
3 non-polymer '3-HYDROXYPYRUVIC ACID'
4 non-polymer '2-PHOSPHOGLYCERIC ACID'
5 water water
#
_entity_poly.entity_id   1
_entity_poly.type   'polypeptide(L)'
_entity_poly.pdbx_seq_one_letter_code
;MARKYFVAANWKCNGTLESIKSLTNSFNNLDFDPSKLDVVVFPVSVHYDHTRKLLQSKFSTGIQNVSKFGNGSYTGEVSA
EIAKDLNIEYVIIGHFERRKYFHETDEDVREKLQASLKNNLKAVVCFGESLEQREQNKTIEVITKQVKAFVDLIDNFDNV
ILVYEPLWAIGTGKTATPEQAQLVHKEIRKIVKDTCGEKQANQIRILYGGSVNTENCSSLIQQEDIDGFLVGNASLKESF
VDIIKSAM
;
_entity_poly.pdbx_strand_id   A,B
#
# COMPACT_ATOMS: atom_id res chain seq x y z
N ARG A 3 -7.34 -4.25 32.57
CA ARG A 3 -6.83 -4.02 31.22
C ARG A 3 -5.91 -2.84 31.15
N LYS A 4 -4.85 -3.04 30.36
CA LYS A 4 -3.91 -1.96 30.10
C LYS A 4 -4.50 -1.00 29.07
N TYR A 5 -4.58 0.28 29.38
CA TYR A 5 -5.09 1.25 28.40
C TYR A 5 -4.18 1.34 27.18
N PHE A 6 -4.77 1.87 26.10
CA PHE A 6 -4.09 1.78 24.80
C PHE A 6 -4.47 3.04 24.02
N VAL A 7 -3.47 3.88 23.74
CA VAL A 7 -3.74 5.17 23.09
C VAL A 7 -2.99 5.15 21.77
N ALA A 8 -3.70 5.26 20.65
CA ALA A 8 -3.05 5.09 19.36
C ALA A 8 -3.25 6.35 18.53
N ALA A 9 -2.19 6.72 17.81
CA ALA A 9 -2.19 7.82 16.86
C ALA A 9 -2.31 7.26 15.45
N ASN A 10 -3.45 7.42 14.80
CA ASN A 10 -3.56 7.12 13.39
C ASN A 10 -3.31 8.39 12.61
N TRP A 11 -2.06 8.54 12.12
CA TRP A 11 -1.72 9.73 11.35
C TRP A 11 -2.39 9.79 10.01
N LYS A 12 -2.99 8.68 9.55
CA LYS A 12 -3.65 8.59 8.24
C LYS A 12 -2.66 9.05 7.19
N CYS A 13 -3.11 9.71 6.12
CA CYS A 13 -2.19 10.02 5.03
C CYS A 13 -1.69 11.46 5.23
N ASN A 14 -0.82 11.63 6.20
CA ASN A 14 -0.40 13.00 6.57
C ASN A 14 1.01 12.94 7.07
N GLY A 15 1.76 13.99 6.81
CA GLY A 15 3.10 14.14 7.39
C GLY A 15 4.11 14.51 6.30
N THR A 16 5.11 15.26 6.72
CA THR A 16 6.34 15.44 5.97
C THR A 16 7.46 14.98 6.92
N LEU A 17 8.66 14.76 6.35
CA LEU A 17 9.73 14.38 7.22
C LEU A 17 9.96 15.45 8.29
N GLU A 18 9.85 16.73 7.91
CA GLU A 18 10.06 17.82 8.86
C GLU A 18 8.96 17.85 9.90
N SER A 19 7.69 17.66 9.52
CA SER A 19 6.62 17.76 10.49
C SER A 19 6.74 16.61 11.46
N ILE A 20 7.15 15.44 10.99
CA ILE A 20 7.28 14.26 11.89
C ILE A 20 8.45 14.49 12.82
N LYS A 21 9.57 15.10 12.33
CA LYS A 21 10.67 15.37 13.26
C LYS A 21 10.16 16.23 14.41
N SER A 22 9.39 17.29 14.13
CA SER A 22 8.90 18.15 15.22
C SER A 22 7.93 17.47 16.16
N LEU A 23 7.04 16.69 15.57
CA LEU A 23 5.98 16.07 16.35
C LEU A 23 6.56 14.97 17.23
N THR A 24 7.43 14.13 16.70
CA THR A 24 8.03 13.06 17.49
C THR A 24 8.87 13.63 18.62
N ASN A 25 9.53 14.77 18.35
CA ASN A 25 10.27 15.37 19.47
C ASN A 25 9.35 15.77 20.59
N SER A 26 8.21 16.35 20.24
CA SER A 26 7.28 16.75 21.31
C SER A 26 6.75 15.53 22.02
N PHE A 27 6.53 14.44 21.31
CA PHE A 27 5.99 13.25 21.96
C PHE A 27 7.02 12.68 22.91
N ASN A 28 8.31 12.66 22.52
CA ASN A 28 9.37 12.12 23.36
C ASN A 28 9.48 12.88 24.68
N ASN A 29 9.04 14.14 24.68
CA ASN A 29 9.14 14.88 25.95
C ASN A 29 8.20 14.38 27.00
N LEU A 30 7.19 13.60 26.63
CA LEU A 30 6.22 13.15 27.61
C LEU A 30 6.81 11.97 28.38
N ASP A 31 6.88 12.08 29.70
CA ASP A 31 7.30 10.94 30.49
C ASP A 31 6.08 10.06 30.80
N PHE A 32 6.16 8.80 30.36
CA PHE A 32 5.10 7.85 30.75
C PHE A 32 5.77 6.49 30.84
N ASP A 33 5.11 5.51 31.45
CA ASP A 33 5.66 4.19 31.69
C ASP A 33 4.98 3.17 30.77
N PRO A 34 5.70 2.69 29.75
CA PRO A 34 5.06 1.83 28.75
C PRO A 34 4.71 0.48 29.32
N SER A 35 5.15 0.19 30.54
CA SER A 35 4.72 -1.08 31.13
C SER A 35 3.30 -0.99 31.68
N LYS A 36 2.82 0.26 31.79
CA LYS A 36 1.49 0.53 32.36
C LYS A 36 0.50 0.92 31.30
N LEU A 37 0.95 1.47 30.20
CA LEU A 37 0.09 2.03 29.16
C LEU A 37 0.75 1.76 27.83
N ASP A 38 -0.07 1.33 26.85
CA ASP A 38 0.43 1.23 25.47
C ASP A 38 0.12 2.54 24.74
N VAL A 39 1.15 3.07 24.05
CA VAL A 39 0.93 4.25 23.20
C VAL A 39 1.57 3.87 21.88
N VAL A 40 0.77 3.89 20.83
CA VAL A 40 1.19 3.35 19.54
C VAL A 40 1.02 4.42 18.48
N VAL A 41 2.06 4.60 17.67
CA VAL A 41 2.02 5.54 16.57
C VAL A 41 1.98 4.78 15.24
N PHE A 42 1.03 5.17 14.35
CA PHE A 42 0.86 4.57 13.05
C PHE A 42 1.09 5.57 11.94
N PRO A 43 2.36 5.72 11.50
CA PRO A 43 2.68 6.62 10.38
C PRO A 43 2.37 5.94 9.04
N VAL A 44 2.40 6.76 8.00
CA VAL A 44 2.35 6.22 6.63
C VAL A 44 3.52 5.25 6.42
N SER A 45 3.31 4.23 5.61
CA SER A 45 4.35 3.20 5.39
C SER A 45 5.72 3.79 5.06
N VAL A 46 5.80 4.74 4.13
CA VAL A 46 7.15 5.24 3.72
C VAL A 46 7.69 6.19 4.80
N HIS A 47 6.93 6.54 5.84
CA HIS A 47 7.42 7.30 6.96
C HIS A 47 7.78 6.38 8.15
N TYR A 48 7.54 5.09 8.05
CA TYR A 48 7.73 4.26 9.25
C TYR A 48 9.18 4.31 9.72
N ASP A 49 10.14 4.10 8.84
CA ASP A 49 11.52 4.00 9.30
C ASP A 49 11.93 5.27 10.00
N HIS A 50 11.62 6.44 9.41
CA HIS A 50 11.96 7.72 10.05
C HIS A 50 11.29 7.84 11.41
N THR A 51 10.00 7.48 11.47
CA THR A 51 9.22 7.65 12.68
C THR A 51 9.76 6.75 13.79
N ARG A 52 10.05 5.49 13.44
CA ARG A 52 10.51 4.58 14.49
C ARG A 52 11.88 5.03 15.00
N LYS A 53 12.74 5.59 14.14
CA LYS A 53 14.07 6.00 14.60
C LYS A 53 13.96 7.22 15.48
N LEU A 54 12.96 8.05 15.25
CA LEU A 54 12.80 9.29 15.99
C LEU A 54 12.05 9.10 17.31
N LEU A 55 11.20 8.13 17.46
CA LEU A 55 10.49 7.91 18.72
C LEU A 55 11.25 7.02 19.66
N GLN A 56 11.35 7.37 20.92
CA GLN A 56 11.89 6.48 21.95
C GLN A 56 11.02 5.24 22.00
N SER A 57 11.61 4.15 22.51
CA SER A 57 10.94 2.85 22.50
C SER A 57 9.70 2.80 23.39
N LYS A 58 9.55 3.76 24.32
CA LYS A 58 8.28 3.77 25.07
C LYS A 58 7.08 3.88 24.14
N PHE A 59 7.28 4.52 22.98
CA PHE A 59 6.27 4.51 21.94
C PHE A 59 6.39 3.24 21.12
N SER A 60 5.27 2.50 21.05
CA SER A 60 5.21 1.39 20.09
C SER A 60 4.82 1.97 18.73
N THR A 61 5.07 1.15 17.68
CA THR A 61 4.77 1.63 16.31
C THR A 61 4.09 0.53 15.49
N GLY A 62 3.40 0.99 14.47
CA GLY A 62 2.74 0.07 13.56
C GLY A 62 2.46 0.70 12.23
N ILE A 63 1.78 -0.08 11.38
CA ILE A 63 1.40 0.41 10.07
C ILE A 63 -0.15 0.37 9.96
N GLN A 64 -0.63 1.17 9.00
CA GLN A 64 -2.06 1.48 8.89
C GLN A 64 -2.88 0.48 8.12
N ASN A 65 -2.23 -0.54 7.55
CA ASN A 65 -2.89 -1.57 6.76
C ASN A 65 -1.86 -2.70 6.60
N VAL A 66 -2.35 -3.86 6.24
CA VAL A 66 -1.46 -5.02 5.95
C VAL A 66 -2.15 -5.85 4.88
N SER A 67 -1.36 -6.60 4.13
CA SER A 67 -1.95 -7.38 3.03
C SER A 67 -2.74 -8.54 3.56
N LYS A 68 -3.77 -8.93 2.77
CA LYS A 68 -4.45 -10.19 2.99
C LYS A 68 -3.68 -11.38 2.40
N PHE A 69 -2.65 -11.10 1.62
CA PHE A 69 -1.87 -12.12 0.96
C PHE A 69 -0.52 -12.22 1.64
N GLY A 70 0.15 -13.36 1.47
CA GLY A 70 1.54 -13.37 1.99
C GLY A 70 2.48 -12.77 0.95
N ASN A 71 3.76 -13.12 1.08
CA ASN A 71 4.76 -12.66 0.14
C ASN A 71 4.45 -13.20 -1.25
N GLY A 72 4.85 -12.42 -2.26
CA GLY A 72 4.71 -12.88 -3.66
C GLY A 72 4.24 -11.74 -4.54
N SER A 73 3.53 -12.15 -5.60
CA SER A 73 3.21 -11.22 -6.71
C SER A 73 1.95 -10.43 -6.41
N TYR A 74 2.14 -9.48 -5.44
CA TYR A 74 1.07 -8.60 -4.99
C TYR A 74 1.61 -7.16 -4.98
N THR A 75 1.79 -6.62 -6.18
CA THR A 75 2.38 -5.26 -6.34
C THR A 75 1.62 -4.27 -5.46
N GLY A 76 2.38 -3.49 -4.69
CA GLY A 76 1.85 -2.47 -3.83
C GLY A 76 1.46 -2.88 -2.42
N GLU A 77 1.47 -4.19 -2.11
CA GLU A 77 1.05 -4.63 -0.79
C GLU A 77 2.27 -4.87 0.15
N VAL A 78 1.98 -4.77 1.42
CA VAL A 78 2.97 -5.07 2.48
C VAL A 78 2.50 -6.30 3.24
N SER A 79 3.21 -7.43 3.19
CA SER A 79 2.76 -8.63 3.89
C SER A 79 3.07 -8.53 5.37
N ALA A 80 2.33 -9.35 6.12
CA ALA A 80 2.64 -9.49 7.53
C ALA A 80 4.04 -10.06 7.71
N GLU A 81 4.48 -10.97 6.83
CA GLU A 81 5.86 -11.49 6.98
C GLU A 81 6.86 -10.36 6.85
N ILE A 82 6.69 -9.48 5.89
CA ILE A 82 7.63 -8.36 5.75
C ILE A 82 7.55 -7.46 6.96
N ALA A 83 6.36 -7.18 7.45
CA ALA A 83 6.24 -6.33 8.65
C ALA A 83 7.00 -6.95 9.81
N LYS A 84 6.86 -8.29 9.99
CA LYS A 84 7.49 -8.93 11.11
C LYS A 84 9.02 -8.83 11.04
N ASP A 85 9.56 -9.04 9.84
CA ASP A 85 11.03 -8.95 9.64
C ASP A 85 11.56 -7.56 9.95
N LEU A 86 10.72 -6.51 9.79
CA LEU A 86 11.09 -5.15 10.17
C LEU A 86 10.78 -4.84 11.63
N ASN A 87 10.29 -5.85 12.37
CA ASN A 87 9.91 -5.63 13.81
C ASN A 87 8.83 -4.57 13.93
N ILE A 88 7.95 -4.42 12.93
CA ILE A 88 6.75 -3.59 13.08
C ILE A 88 5.87 -4.33 14.03
N GLU A 89 5.35 -3.67 15.09
CA GLU A 89 4.67 -4.40 16.17
C GLU A 89 3.16 -4.55 15.89
N TYR A 90 2.52 -3.53 15.34
CA TYR A 90 1.07 -3.44 15.20
C TYR A 90 0.66 -3.17 13.77
N VAL A 91 -0.54 -3.62 13.44
CA VAL A 91 -1.20 -3.28 12.20
C VAL A 91 -2.61 -2.78 12.48
N ILE A 92 -3.12 -1.81 11.71
CA ILE A 92 -4.54 -1.50 11.72
C ILE A 92 -5.21 -2.29 10.59
N ILE A 93 -6.38 -2.88 10.91
CA ILE A 93 -7.13 -3.66 9.93
C ILE A 93 -8.57 -3.19 9.96
N GLY A 94 -9.17 -3.01 8.80
CA GLY A 94 -10.59 -2.76 8.74
C GLY A 94 -11.02 -1.34 9.03
N HIS A 95 -10.10 -0.39 9.03
CA HIS A 95 -10.49 1.03 9.23
C HIS A 95 -11.58 1.37 8.24
N PHE A 96 -12.57 2.17 8.71
CA PHE A 96 -13.71 2.45 7.84
C PHE A 96 -13.29 3.08 6.53
N GLU A 97 -12.16 3.85 6.52
CA GLU A 97 -11.76 4.46 5.27
C GLU A 97 -11.34 3.42 4.23
N ARG A 98 -10.78 2.31 4.66
CA ARG A 98 -10.44 1.24 3.72
C ARG A 98 -11.70 0.47 3.32
N ARG A 99 -12.65 0.25 4.23
CA ARG A 99 -13.93 -0.37 3.87
C ARG A 99 -14.65 0.54 2.86
N LYS A 100 -14.54 1.87 3.05
CA LYS A 100 -15.27 2.78 2.19
C LYS A 100 -14.58 2.93 0.83
N TYR A 101 -13.35 3.46 0.83
CA TYR A 101 -12.74 3.85 -0.45
C TYR A 101 -12.13 2.65 -1.18
N PHE A 102 -11.75 1.61 -0.47
CA PHE A 102 -11.07 0.48 -1.10
C PHE A 102 -11.91 -0.80 -1.04
N HIS A 103 -13.17 -0.69 -0.63
CA HIS A 103 -14.14 -1.79 -0.67
C HIS A 103 -13.63 -3.00 0.12
N GLU A 104 -12.87 -2.76 1.19
CA GLU A 104 -12.47 -3.89 2.03
C GLU A 104 -13.69 -4.47 2.68
N THR A 105 -13.75 -5.81 2.66
CA THR A 105 -14.90 -6.54 3.21
C THR A 105 -14.53 -7.19 4.54
N ASP A 106 -15.57 -7.68 5.25
CA ASP A 106 -15.34 -8.50 6.44
C ASP A 106 -14.40 -9.66 6.15
N GLU A 107 -14.52 -10.32 4.99
CA GLU A 107 -13.64 -11.42 4.68
C GLU A 107 -12.19 -10.93 4.49
N ASP A 108 -12.01 -9.76 3.88
CA ASP A 108 -10.66 -9.22 3.80
C ASP A 108 -10.07 -8.99 5.21
N VAL A 109 -10.89 -8.42 6.10
CA VAL A 109 -10.47 -8.18 7.47
C VAL A 109 -10.06 -9.49 8.13
N ARG A 110 -10.88 -10.52 7.96
CA ARG A 110 -10.50 -11.83 8.53
C ARG A 110 -9.16 -12.31 8.00
N GLU A 111 -9.01 -12.26 6.69
CA GLU A 111 -7.77 -12.76 6.09
C GLU A 111 -6.54 -11.97 6.50
N LYS A 112 -6.69 -10.64 6.61
CA LYS A 112 -5.57 -9.81 7.12
C LYS A 112 -5.26 -10.15 8.57
N LEU A 113 -6.30 -10.38 9.39
CA LEU A 113 -6.05 -10.75 10.78
C LEU A 113 -5.35 -12.10 10.86
N GLN A 114 -5.82 -13.06 10.07
CA GLN A 114 -5.18 -14.38 10.14
C GLN A 114 -3.73 -14.28 9.78
N ALA A 115 -3.41 -13.51 8.71
CA ALA A 115 -1.99 -13.37 8.29
C ALA A 115 -1.18 -12.68 9.35
N SER A 116 -1.75 -11.65 9.96
CA SER A 116 -1.07 -10.87 10.97
C SER A 116 -0.72 -11.74 12.19
N LEU A 117 -1.72 -12.47 12.69
CA LEU A 117 -1.46 -13.32 13.85
C LEU A 117 -0.51 -14.47 13.51
N LYS A 118 -0.59 -15.02 12.31
CA LYS A 118 0.32 -16.10 11.87
C LYS A 118 1.78 -15.63 11.98
N ASN A 119 1.98 -14.34 11.69
CA ASN A 119 3.31 -13.74 11.68
C ASN A 119 3.61 -12.97 12.96
N ASN A 120 2.84 -13.21 14.02
CA ASN A 120 3.12 -12.72 15.38
C ASN A 120 3.09 -11.20 15.43
N LEU A 121 2.22 -10.59 14.65
CA LEU A 121 1.92 -9.18 14.76
C LEU A 121 0.74 -8.99 15.72
N LYS A 122 0.62 -7.80 16.28
CA LYS A 122 -0.54 -7.43 17.06
C LYS A 122 -1.45 -6.60 16.18
N ALA A 123 -2.75 -6.72 16.34
CA ALA A 123 -3.69 -6.14 15.38
C ALA A 123 -4.72 -5.25 16.10
N VAL A 124 -4.97 -4.12 15.46
CA VAL A 124 -5.97 -3.14 15.88
C VAL A 124 -7.08 -3.22 14.85
N VAL A 125 -8.21 -3.82 15.23
CA VAL A 125 -9.24 -4.23 14.23
C VAL A 125 -10.47 -3.36 14.41
N CYS A 126 -10.86 -2.68 13.36
CA CYS A 126 -11.91 -1.67 13.42
C CYS A 126 -13.22 -2.15 12.78
N PHE A 127 -14.33 -1.67 13.33
CA PHE A 127 -15.66 -2.00 12.83
C PHE A 127 -16.63 -0.92 13.38
N GLY A 128 -17.89 -0.98 12.96
CA GLY A 128 -18.87 -0.03 13.46
C GLY A 128 -19.98 0.20 12.41
N GLU A 129 -21.11 0.70 12.89
CA GLU A 129 -22.31 0.81 12.07
C GLU A 129 -22.53 2.21 11.54
N SER A 130 -23.21 2.24 10.38
CA SER A 130 -23.50 3.51 9.69
C SER A 130 -24.69 4.23 10.30
N LEU A 131 -24.93 5.47 9.89
CA LEU A 131 -26.14 6.20 10.32
C LEU A 131 -27.38 5.42 9.94
N GLU A 132 -27.48 4.87 8.73
CA GLU A 132 -28.72 4.18 8.34
C GLU A 132 -28.92 2.97 9.20
N GLN A 133 -27.80 2.24 9.46
CA GLN A 133 -27.92 1.04 10.29
C GLN A 133 -28.37 1.40 11.69
N ARG A 134 -27.86 2.51 12.24
CA ARG A 134 -28.29 2.89 13.60
C ARG A 134 -29.72 3.35 13.58
N GLU A 135 -30.11 4.09 12.53
CA GLU A 135 -31.46 4.66 12.51
C GLU A 135 -32.47 3.50 12.35
N GLN A 136 -32.04 2.37 11.77
CA GLN A 136 -32.87 1.17 11.64
C GLN A 136 -32.80 0.28 12.89
N ASN A 137 -32.14 0.78 13.91
CA ASN A 137 -32.00 0.05 15.18
C ASN A 137 -31.24 -1.25 14.97
N LYS A 138 -30.21 -1.28 14.14
CA LYS A 138 -29.46 -2.49 13.84
C LYS A 138 -28.05 -2.46 14.35
N THR A 139 -27.74 -1.61 15.32
CA THR A 139 -26.35 -1.54 15.82
C THR A 139 -25.82 -2.87 16.27
N ILE A 140 -26.57 -3.54 17.15
CA ILE A 140 -26.04 -4.81 17.67
C ILE A 140 -25.95 -5.84 16.58
N GLU A 141 -26.92 -5.95 15.69
CA GLU A 141 -26.84 -6.94 14.60
C GLU A 141 -25.64 -6.72 13.74
N VAL A 142 -25.39 -5.46 13.39
CA VAL A 142 -24.27 -5.16 12.49
C VAL A 142 -22.94 -5.45 13.14
N ILE A 143 -22.78 -4.98 14.38
CA ILE A 143 -21.47 -5.24 15.05
C ILE A 143 -21.27 -6.69 15.35
N THR A 144 -22.37 -7.43 15.68
CA THR A 144 -22.21 -8.86 15.86
C THR A 144 -21.68 -9.57 14.64
N LYS A 145 -22.25 -9.20 13.49
CA LYS A 145 -21.77 -9.80 12.23
C LYS A 145 -20.33 -9.40 11.93
N GLN A 146 -20.01 -8.11 12.10
CA GLN A 146 -18.62 -7.68 11.82
C GLN A 146 -17.63 -8.37 12.76
N VAL A 147 -17.92 -8.51 14.03
CA VAL A 147 -17.01 -9.15 14.96
C VAL A 147 -16.93 -10.64 14.67
N LYS A 148 -18.04 -11.31 14.47
CA LYS A 148 -18.04 -12.75 14.23
C LYS A 148 -17.30 -13.07 12.94
N ALA A 149 -17.13 -12.09 12.01
CA ALA A 149 -16.33 -12.42 10.81
C ALA A 149 -14.91 -12.82 11.12
N PHE A 150 -14.35 -12.36 12.26
CA PHE A 150 -12.95 -12.60 12.53
C PHE A 150 -12.63 -13.16 13.95
N VAL A 151 -13.62 -13.09 14.86
CA VAL A 151 -13.24 -13.18 16.26
C VAL A 151 -12.70 -14.52 16.65
N ASP A 152 -13.09 -15.59 15.95
CA ASP A 152 -12.57 -16.92 16.28
C ASP A 152 -11.07 -17.08 16.03
N LEU A 153 -10.46 -16.18 15.27
CA LEU A 153 -9.03 -16.28 15.02
C LEU A 153 -8.22 -15.84 16.24
N ILE A 154 -8.82 -15.11 17.19
CA ILE A 154 -8.03 -14.57 18.28
C ILE A 154 -7.68 -15.66 19.27
N ASP A 155 -6.37 -15.77 19.58
CA ASP A 155 -6.02 -16.77 20.58
C ASP A 155 -5.49 -16.03 21.81
N ASN A 156 -4.75 -14.98 21.63
CA ASN A 156 -4.18 -14.23 22.76
C ASN A 156 -4.94 -12.90 22.78
N PHE A 157 -5.78 -12.75 23.81
CA PHE A 157 -6.68 -11.56 23.84
C PHE A 157 -5.96 -10.30 24.33
N ASP A 158 -4.63 -10.39 24.54
CA ASP A 158 -3.85 -9.14 24.70
C ASP A 158 -3.36 -8.59 23.36
N ASN A 159 -3.36 -9.40 22.32
CA ASN A 159 -2.66 -9.06 21.08
C ASN A 159 -3.60 -8.60 19.95
N VAL A 160 -4.89 -8.65 20.19
CA VAL A 160 -5.88 -8.11 19.26
C VAL A 160 -6.65 -7.07 20.06
N ILE A 161 -6.78 -5.88 19.48
CA ILE A 161 -7.36 -4.72 20.12
C ILE A 161 -8.51 -4.28 19.20
N LEU A 162 -9.71 -4.18 19.73
CA LEU A 162 -10.87 -3.83 18.91
C LEU A 162 -11.08 -2.32 18.90
N VAL A 163 -11.61 -1.78 17.81
CA VAL A 163 -11.92 -0.35 17.78
C VAL A 163 -13.33 -0.16 17.25
N TYR A 164 -14.14 0.51 18.07
CA TYR A 164 -15.50 0.89 17.62
C TYR A 164 -15.46 2.22 16.96
N GLU A 165 -15.83 2.24 15.65
CA GLU A 165 -15.92 3.49 14.89
C GLU A 165 -17.40 3.82 14.72
N PRO A 166 -17.88 4.89 15.38
CA PRO A 166 -19.30 5.24 15.28
C PRO A 166 -19.53 5.97 13.97
N LEU A 167 -19.69 5.21 12.89
CA LEU A 167 -19.74 5.86 11.56
C LEU A 167 -20.92 6.81 11.45
N TRP A 168 -21.98 6.47 12.22
CA TRP A 168 -23.20 7.26 12.28
C TRP A 168 -22.97 8.69 12.79
N ALA A 169 -21.84 8.93 13.44
CA ALA A 169 -21.44 10.23 13.96
C ALA A 169 -20.18 10.75 13.27
N ILE A 170 -19.85 10.23 12.10
CA ILE A 170 -18.59 10.65 11.46
C ILE A 170 -19.07 11.24 10.15
N GLY A 171 -18.88 12.54 10.08
CA GLY A 171 -19.29 13.41 9.03
C GLY A 171 -20.80 13.46 8.87
N THR A 172 -21.56 12.86 9.78
CA THR A 172 -23.01 12.99 9.66
C THR A 172 -23.56 14.19 10.38
N GLY A 173 -22.78 15.00 11.10
CA GLY A 173 -23.48 16.04 11.85
C GLY A 173 -24.06 15.48 13.14
N LYS A 174 -23.98 14.16 13.34
CA LYS A 174 -24.45 13.55 14.59
C LYS A 174 -23.29 13.47 15.58
N THR A 175 -23.53 13.38 16.88
CA THR A 175 -22.45 13.38 17.87
C THR A 175 -22.58 12.27 18.89
N ALA A 176 -21.51 11.47 19.03
CA ALA A 176 -21.68 10.39 20.03
C ALA A 176 -21.32 10.93 21.39
N THR A 177 -22.18 10.80 22.38
CA THR A 177 -21.76 11.14 23.76
C THR A 177 -20.88 10.04 24.33
N PRO A 178 -20.09 10.36 25.34
CA PRO A 178 -19.29 9.30 25.96
C PRO A 178 -20.15 8.15 26.45
N GLU A 179 -21.33 8.45 27.02
CA GLU A 179 -22.25 7.39 27.44
C GLU A 179 -22.74 6.56 26.26
N GLN A 180 -23.07 7.17 25.11
CA GLN A 180 -23.47 6.37 23.96
C GLN A 180 -22.36 5.45 23.49
N ALA A 181 -21.11 5.95 23.55
CA ALA A 181 -19.96 5.11 23.21
C ALA A 181 -19.86 3.93 24.14
N GLN A 182 -19.92 4.27 25.43
CA GLN A 182 -19.83 3.26 26.46
C GLN A 182 -20.86 2.16 26.23
N LEU A 183 -22.12 2.50 25.92
CA LEU A 183 -23.15 1.49 25.69
C LEU A 183 -22.74 0.54 24.57
N VAL A 184 -22.18 1.08 23.46
CA VAL A 184 -21.78 0.13 22.39
C VAL A 184 -20.55 -0.70 22.85
N HIS A 185 -19.60 -0.10 23.52
CA HIS A 185 -18.45 -0.87 24.00
C HIS A 185 -18.88 -2.00 24.91
N LYS A 186 -19.86 -1.77 25.80
CA LYS A 186 -20.35 -2.85 26.66
C LYS A 186 -20.99 -3.96 25.82
N GLU A 187 -21.71 -3.56 24.76
CA GLU A 187 -22.29 -4.58 23.88
C GLU A 187 -21.20 -5.38 23.13
N ILE A 188 -20.14 -4.68 22.68
CA ILE A 188 -19.05 -5.41 21.99
C ILE A 188 -18.46 -6.42 22.93
N ARG A 189 -18.23 -6.03 24.19
CA ARG A 189 -17.62 -6.94 25.14
C ARG A 189 -18.50 -8.16 25.40
N LYS A 190 -19.83 -7.95 25.45
CA LYS A 190 -20.76 -9.08 25.57
C LYS A 190 -20.65 -10.01 24.38
N ILE A 191 -20.55 -9.47 23.15
CA ILE A 191 -20.40 -10.34 21.97
C ILE A 191 -19.13 -11.16 22.11
N VAL A 192 -18.03 -10.53 22.56
CA VAL A 192 -16.81 -11.35 22.75
C VAL A 192 -16.99 -12.40 23.82
N LYS A 193 -17.65 -12.04 24.91
CA LYS A 193 -17.91 -13.01 25.98
C LYS A 193 -18.66 -14.22 25.43
N ASP A 194 -19.68 -14.02 24.60
CA ASP A 194 -20.53 -15.16 24.20
C ASP A 194 -19.96 -15.90 22.99
N THR A 195 -19.03 -15.33 22.24
CA THR A 195 -18.46 -16.02 21.08
C THR A 195 -17.12 -16.67 21.42
N CYS A 196 -16.48 -16.17 22.46
CA CYS A 196 -15.11 -16.59 22.79
C CYS A 196 -15.12 -17.13 24.21
N GLY A 197 -15.48 -16.32 25.21
CA GLY A 197 -15.49 -16.64 26.59
C GLY A 197 -15.33 -15.43 27.50
N GLU A 198 -15.72 -15.59 28.75
CA GLU A 198 -15.77 -14.51 29.73
C GLU A 198 -14.38 -13.95 30.01
N LYS A 199 -13.43 -14.84 30.26
CA LYS A 199 -12.08 -14.33 30.56
C LYS A 199 -11.51 -13.54 29.39
N GLN A 200 -11.73 -14.06 28.19
CA GLN A 200 -11.27 -13.46 26.93
C GLN A 200 -11.84 -12.05 26.80
N ALA A 201 -13.16 -11.97 27.04
CA ALA A 201 -13.85 -10.70 26.93
C ALA A 201 -13.34 -9.67 27.94
N ASN A 202 -13.00 -10.10 29.16
CA ASN A 202 -12.53 -9.15 30.18
C ASN A 202 -11.08 -8.76 29.89
N GLN A 203 -10.36 -9.52 29.07
CA GLN A 203 -9.00 -9.12 28.71
C GLN A 203 -8.88 -8.16 27.53
N ILE A 204 -9.81 -8.33 26.61
CA ILE A 204 -9.56 -7.62 25.35
C ILE A 204 -9.76 -6.10 25.47
N ARG A 205 -8.85 -5.34 24.87
CA ARG A 205 -9.05 -3.91 24.87
C ARG A 205 -10.00 -3.54 23.76
N ILE A 206 -10.94 -2.65 24.10
CA ILE A 206 -11.89 -2.08 23.14
C ILE A 206 -11.70 -0.58 23.16
N LEU A 207 -11.20 -0.02 22.05
CA LEU A 207 -10.95 1.39 21.91
C LEU A 207 -12.10 2.14 21.26
N TYR A 208 -12.24 3.40 21.65
CA TYR A 208 -13.17 4.27 20.92
C TYR A 208 -12.44 4.90 19.74
N GLY A 209 -13.08 4.81 18.56
CA GLY A 209 -12.47 5.34 17.35
C GLY A 209 -13.31 6.43 16.72
N GLY A 210 -14.19 7.07 17.46
CA GLY A 210 -14.86 8.28 16.97
C GLY A 210 -13.93 9.47 17.27
N SER A 211 -14.52 10.65 17.21
CA SER A 211 -13.69 11.86 17.34
C SER A 211 -13.19 12.02 18.75
N VAL A 212 -11.88 12.06 18.87
CA VAL A 212 -11.28 12.18 20.18
C VAL A 212 -10.35 13.41 20.15
N ASN A 213 -10.47 14.26 21.15
CA ASN A 213 -9.66 15.49 21.22
C ASN A 213 -9.30 15.73 22.70
N THR A 214 -8.50 16.77 22.95
CA THR A 214 -8.11 17.04 24.34
C THR A 214 -9.32 17.38 25.22
N GLU A 215 -10.42 17.84 24.65
CA GLU A 215 -11.54 18.24 25.50
C GLU A 215 -12.49 17.11 25.84
N ASN A 216 -12.50 16.01 25.11
CA ASN A 216 -13.40 14.90 25.47
C ASN A 216 -12.64 13.66 25.94
N CYS A 217 -11.30 13.61 25.81
CA CYS A 217 -10.65 12.32 26.05
C CYS A 217 -10.87 11.83 27.49
N SER A 218 -10.85 12.73 28.48
CA SER A 218 -11.05 12.23 29.84
C SER A 218 -12.41 11.61 30.07
N SER A 219 -13.45 12.26 29.53
CA SER A 219 -14.80 11.74 29.70
C SER A 219 -14.97 10.38 29.04
N LEU A 220 -14.25 10.13 27.94
CA LEU A 220 -14.34 8.83 27.27
C LEU A 220 -13.58 7.77 28.04
N ILE A 221 -12.33 8.01 28.42
CA ILE A 221 -11.56 6.93 28.98
C ILE A 221 -12.11 6.52 30.34
N GLN A 222 -12.81 7.41 31.06
CA GLN A 222 -13.39 7.02 32.35
C GLN A 222 -14.52 5.98 32.22
N GLN A 223 -15.11 5.86 31.04
CA GLN A 223 -16.18 4.88 30.87
C GLN A 223 -15.64 3.45 31.04
N GLU A 224 -16.41 2.60 31.73
CA GLU A 224 -15.95 1.29 32.14
C GLU A 224 -15.45 0.40 31.01
N ASP A 225 -16.09 0.50 29.86
CA ASP A 225 -15.75 -0.46 28.80
C ASP A 225 -14.92 0.16 27.69
N ILE A 226 -14.51 1.42 27.90
CA ILE A 226 -13.63 2.12 26.97
C ILE A 226 -12.20 2.05 27.50
N ASP A 227 -11.31 1.39 26.72
CA ASP A 227 -9.96 1.10 27.19
C ASP A 227 -8.88 1.93 26.50
N GLY A 228 -9.30 2.95 25.77
CA GLY A 228 -8.39 3.83 25.03
C GLY A 228 -9.02 4.27 23.74
N PHE A 229 -8.18 4.70 22.81
CA PHE A 229 -8.71 5.37 21.60
C PHE A 229 -7.78 5.15 20.44
N LEU A 230 -8.40 5.14 19.25
CA LEU A 230 -7.64 5.29 18.02
C LEU A 230 -7.94 6.69 17.55
N VAL A 231 -6.93 7.57 17.63
CA VAL A 231 -7.13 9.01 17.48
C VAL A 231 -6.69 9.46 16.09
N GLY A 232 -7.53 10.25 15.43
CA GLY A 232 -7.21 10.78 14.12
C GLY A 232 -6.52 12.14 14.20
N ASN A 233 -7.20 13.19 13.70
CA ASN A 233 -6.56 14.49 13.52
C ASN A 233 -5.87 14.98 14.77
N ALA A 234 -6.40 14.74 15.95
CA ALA A 234 -5.78 15.26 17.17
C ALA A 234 -4.43 14.66 17.39
N SER A 235 -4.14 13.50 16.77
CA SER A 235 -2.82 12.87 16.96
C SER A 235 -1.73 13.48 16.09
N LEU A 236 -2.09 14.47 15.25
CA LEU A 236 -1.11 15.13 14.40
C LEU A 236 -0.65 16.41 15.10
N LYS A 237 -1.15 16.66 16.31
CA LYS A 237 -0.90 17.87 17.06
C LYS A 237 -0.03 17.58 18.28
N GLU A 238 0.80 18.52 18.71
CA GLU A 238 1.64 18.27 19.88
C GLU A 238 0.82 18.01 21.14
N SER A 239 -0.41 18.57 21.17
CA SER A 239 -1.26 18.38 22.33
C SER A 239 -1.80 16.97 22.39
N PHE A 240 -1.47 16.09 21.43
CA PHE A 240 -1.77 14.67 21.66
C PHE A 240 -1.21 14.18 22.94
N VAL A 241 -0.12 14.74 23.43
CA VAL A 241 0.41 14.31 24.71
C VAL A 241 -0.63 14.46 25.82
N ASP A 242 -1.54 15.43 25.74
CA ASP A 242 -2.57 15.55 26.81
C ASP A 242 -3.62 14.45 26.66
N ILE A 243 -3.86 13.97 25.43
CA ILE A 243 -4.74 12.79 25.29
C ILE A 243 -4.08 11.56 25.89
N ILE A 244 -2.78 11.39 25.65
CA ILE A 244 -2.07 10.30 26.33
C ILE A 244 -2.18 10.44 27.84
N LYS A 245 -1.97 11.64 28.37
CA LYS A 245 -2.06 11.85 29.82
C LYS A 245 -3.42 11.47 30.38
N SER A 246 -4.48 11.66 29.61
CA SER A 246 -5.80 11.27 30.14
C SER A 246 -5.89 9.78 30.44
N ALA A 247 -5.02 8.97 29.86
CA ALA A 247 -5.07 7.51 30.10
C ALA A 247 -4.00 7.09 31.08
N MET A 248 -3.27 8.09 31.66
CA MET A 248 -2.16 7.75 32.57
C MET A 248 -2.53 7.66 34.03
N ARG B 3 15.65 6.45 -28.29
CA ARG B 3 15.04 6.44 -26.94
C ARG B 3 16.03 5.94 -25.87
N LYS B 4 16.00 6.53 -24.67
CA LYS B 4 16.82 5.98 -23.58
C LYS B 4 16.18 4.74 -22.98
N TYR B 5 16.92 3.62 -22.99
CA TYR B 5 16.34 2.38 -22.46
C TYR B 5 16.13 2.51 -20.95
N PHE B 6 15.21 1.67 -20.48
CA PHE B 6 14.70 1.77 -19.09
C PHE B 6 14.46 0.37 -18.59
N VAL B 7 15.17 0.02 -17.50
CA VAL B 7 15.07 -1.35 -16.96
C VAL B 7 14.66 -1.20 -15.51
N ALA B 8 13.50 -1.78 -15.17
CA ALA B 8 12.97 -1.60 -13.83
C ALA B 8 12.78 -2.95 -13.15
N ALA B 9 13.10 -2.94 -11.87
CA ALA B 9 12.94 -4.10 -10.97
C ALA B 9 11.67 -3.90 -10.15
N ASN B 10 10.63 -4.65 -10.42
CA ASN B 10 9.44 -4.62 -9.57
C ASN B 10 9.57 -5.78 -8.60
N TRP B 11 10.03 -5.49 -7.39
CA TRP B 11 10.23 -6.52 -6.39
C TRP B 11 8.90 -7.06 -5.86
N LYS B 12 7.79 -6.42 -6.20
CA LYS B 12 6.46 -6.85 -5.74
C LYS B 12 6.51 -7.01 -4.21
N CYS B 13 5.82 -7.99 -3.67
CA CYS B 13 5.73 -8.09 -2.22
C CYS B 13 6.75 -9.12 -1.71
N ASN B 14 8.05 -8.75 -1.82
CA ASN B 14 9.12 -9.68 -1.52
C ASN B 14 10.28 -8.93 -0.92
N GLY B 15 10.98 -9.56 0.02
CA GLY B 15 12.23 -9.10 0.54
C GLY B 15 12.28 -9.18 2.04
N THR B 16 13.51 -9.33 2.52
CA THR B 16 13.79 -9.08 3.95
C THR B 16 14.90 -8.04 4.05
N LEU B 17 15.11 -7.51 5.25
CA LEU B 17 16.26 -6.61 5.37
C LEU B 17 17.55 -7.23 4.88
N GLU B 18 17.77 -8.50 5.26
CA GLU B 18 19.02 -9.13 4.87
C GLU B 18 19.02 -9.48 3.39
N SER B 19 17.91 -9.92 2.81
CA SER B 19 18.01 -10.27 1.37
C SER B 19 18.26 -9.00 0.53
N ILE B 20 17.69 -7.88 0.98
CA ILE B 20 17.88 -6.65 0.21
C ILE B 20 19.32 -6.18 0.38
N LYS B 21 19.91 -6.35 1.58
CA LYS B 21 21.33 -5.97 1.75
C LYS B 21 22.21 -6.73 0.76
N SER B 22 22.02 -8.04 0.65
CA SER B 22 22.87 -8.80 -0.28
C SER B 22 22.54 -8.46 -1.73
N LEU B 23 21.24 -8.29 -2.08
CA LEU B 23 20.90 -8.06 -3.45
C LEU B 23 21.38 -6.69 -3.90
N THR B 24 21.15 -5.65 -3.14
CA THR B 24 21.64 -4.30 -3.48
C THR B 24 23.17 -4.30 -3.58
N ASN B 25 23.87 -5.01 -2.70
CA ASN B 25 25.33 -5.05 -2.85
C ASN B 25 25.73 -5.60 -4.19
N SER B 26 25.09 -6.70 -4.61
CA SER B 26 25.38 -7.30 -5.91
C SER B 26 25.07 -6.32 -7.03
N PHE B 27 23.93 -5.64 -6.99
CA PHE B 27 23.60 -4.67 -8.02
C PHE B 27 24.66 -3.56 -8.09
N ASN B 28 25.14 -3.10 -6.96
CA ASN B 28 26.09 -2.01 -6.96
C ASN B 28 27.35 -2.37 -7.70
N ASN B 29 27.65 -3.67 -7.79
CA ASN B 29 28.91 -4.07 -8.48
C ASN B 29 28.81 -3.84 -9.99
N LEU B 30 27.63 -3.58 -10.57
CA LEU B 30 27.52 -3.35 -12.02
C LEU B 30 27.85 -1.90 -12.34
N ASP B 31 28.86 -1.70 -13.16
CA ASP B 31 29.21 -0.34 -13.56
C ASP B 31 28.39 0.02 -14.78
N PHE B 32 27.45 0.94 -14.62
CA PHE B 32 26.67 1.44 -15.74
C PHE B 32 26.53 2.95 -15.60
N ASP B 33 26.19 3.55 -16.74
CA ASP B 33 26.10 5.02 -16.77
C ASP B 33 24.65 5.43 -16.74
N PRO B 34 24.15 6.02 -15.65
CA PRO B 34 22.70 6.33 -15.60
C PRO B 34 22.28 7.44 -16.56
N SER B 35 23.25 8.12 -17.19
CA SER B 35 22.83 9.05 -18.25
C SER B 35 22.59 8.29 -19.56
N LYS B 36 22.98 7.04 -19.67
CA LYS B 36 22.80 6.26 -20.89
C LYS B 36 21.59 5.34 -20.82
N LEU B 37 21.20 4.92 -19.63
CA LEU B 37 19.99 4.10 -19.46
C LEU B 37 19.51 4.34 -18.02
N ASP B 38 18.21 4.22 -17.88
CA ASP B 38 17.61 4.33 -16.54
C ASP B 38 17.46 2.95 -15.94
N VAL B 39 17.88 2.77 -14.66
CA VAL B 39 17.70 1.50 -13.98
C VAL B 39 16.96 1.84 -12.66
N VAL B 40 15.72 1.33 -12.52
CA VAL B 40 14.89 1.77 -11.40
C VAL B 40 14.50 0.55 -10.57
N VAL B 41 14.68 0.68 -9.24
CA VAL B 41 14.27 -0.40 -8.33
C VAL B 41 13.05 0.06 -7.56
N PHE B 42 12.02 -0.80 -7.51
CA PHE B 42 10.77 -0.57 -6.84
C PHE B 42 10.59 -1.55 -5.68
N PRO B 43 11.11 -1.22 -4.50
CA PRO B 43 10.92 -2.08 -3.33
C PRO B 43 9.53 -1.86 -2.71
N VAL B 44 9.15 -2.73 -1.78
CA VAL B 44 7.97 -2.51 -0.96
C VAL B 44 8.12 -1.17 -0.22
N SER B 45 7.02 -0.51 0.05
CA SER B 45 7.06 0.82 0.65
C SER B 45 7.90 0.88 1.91
N VAL B 46 7.71 -0.08 2.81
CA VAL B 46 8.43 -0.08 4.08
C VAL B 46 9.88 -0.45 3.90
N HIS B 47 10.28 -0.92 2.71
CA HIS B 47 11.70 -1.19 2.42
C HIS B 47 12.35 -0.05 1.67
N TYR B 48 11.59 1.03 1.35
CA TYR B 48 12.17 2.06 0.50
C TYR B 48 13.42 2.68 1.11
N ASP B 49 13.35 3.14 2.37
CA ASP B 49 14.50 3.84 2.91
C ASP B 49 15.73 2.93 2.95
N HIS B 50 15.54 1.67 3.36
CA HIS B 50 16.68 0.73 3.39
C HIS B 50 17.27 0.55 2.02
N THR B 51 16.40 0.39 1.02
CA THR B 51 16.87 0.12 -0.33
C THR B 51 17.55 1.34 -0.91
N ARG B 52 16.97 2.51 -0.74
CA ARG B 52 17.58 3.75 -1.29
C ARG B 52 18.92 4.02 -0.62
N LYS B 53 19.07 3.71 0.66
CA LYS B 53 20.36 3.90 1.34
C LYS B 53 21.41 2.95 0.80
N LEU B 54 21.02 1.68 0.61
CA LEU B 54 22.00 0.66 0.19
C LEU B 54 22.38 0.77 -1.27
N LEU B 55 21.48 1.16 -2.15
CA LEU B 55 21.82 1.30 -3.57
C LEU B 55 22.67 2.53 -3.79
N GLN B 56 23.65 2.42 -4.69
CA GLN B 56 24.44 3.58 -5.09
C GLN B 56 23.58 4.55 -5.90
N SER B 57 24.02 5.79 -5.97
CA SER B 57 23.24 6.87 -6.54
C SER B 57 22.94 6.66 -8.02
N LYS B 58 23.69 5.85 -8.78
CA LYS B 58 23.33 5.57 -10.16
C LYS B 58 21.99 4.88 -10.32
N PHE B 59 21.56 4.16 -9.29
CA PHE B 59 20.25 3.52 -9.37
C PHE B 59 19.18 4.53 -9.02
N SER B 60 18.11 4.52 -9.80
CA SER B 60 16.89 5.23 -9.42
C SER B 60 15.96 4.34 -8.63
N THR B 61 15.04 4.94 -7.92
CA THR B 61 14.11 4.18 -7.05
C THR B 61 12.71 4.76 -7.21
N GLY B 62 11.76 3.93 -6.76
CA GLY B 62 10.33 4.31 -6.80
C GLY B 62 9.52 3.42 -5.89
N ILE B 63 8.22 3.70 -5.87
CA ILE B 63 7.25 2.84 -5.14
C ILE B 63 6.24 2.25 -6.11
N GLN B 64 5.60 1.16 -5.62
CA GLN B 64 4.83 0.26 -6.46
C GLN B 64 3.38 0.68 -6.64
N ASN B 65 2.96 1.75 -5.94
CA ASN B 65 1.60 2.25 -6.00
C ASN B 65 1.62 3.64 -5.41
N VAL B 66 0.63 4.44 -5.75
CA VAL B 66 0.47 5.76 -5.12
C VAL B 66 -1.02 6.02 -5.03
N SER B 67 -1.44 6.88 -4.11
CA SER B 67 -2.84 7.15 -3.90
C SER B 67 -3.41 8.06 -4.98
N LYS B 68 -4.72 7.89 -5.22
CA LYS B 68 -5.46 8.83 -6.07
C LYS B 68 -5.94 10.01 -5.26
N PHE B 69 -5.76 9.99 -3.95
CA PHE B 69 -6.27 11.05 -3.10
C PHE B 69 -5.05 11.86 -2.70
N GLY B 70 -5.29 13.05 -2.29
CA GLY B 70 -3.99 13.70 -1.78
C GLY B 70 -3.79 13.34 -0.32
N ASN B 71 -3.15 14.23 0.43
CA ASN B 71 -3.06 14.07 1.86
C ASN B 71 -4.43 14.16 2.53
N GLY B 72 -4.59 13.48 3.66
CA GLY B 72 -5.79 13.62 4.46
C GLY B 72 -6.20 12.24 4.97
N SER B 73 -7.52 12.12 5.13
CA SER B 73 -8.06 10.99 5.85
C SER B 73 -8.27 9.78 4.96
N TYR B 74 -7.13 9.21 4.61
CA TYR B 74 -7.07 8.05 3.68
C TYR B 74 -6.14 6.99 4.30
N THR B 75 -6.59 6.37 5.38
CA THR B 75 -5.80 5.39 6.14
C THR B 75 -5.23 4.36 5.17
N GLY B 76 -3.92 4.15 5.31
CA GLY B 76 -3.21 3.15 4.52
C GLY B 76 -2.70 3.63 3.18
N GLU B 77 -3.04 4.84 2.72
CA GLU B 77 -2.56 5.27 1.43
C GLU B 77 -1.27 6.12 1.54
N VAL B 78 -0.53 6.20 0.45
CA VAL B 78 0.65 7.06 0.34
C VAL B 78 0.36 8.10 -0.74
N SER B 79 0.30 9.39 -0.38
CA SER B 79 -0.01 10.40 -1.41
C SER B 79 1.21 10.70 -2.28
N ALA B 80 0.88 11.25 -3.42
CA ALA B 80 1.95 11.79 -4.28
C ALA B 80 2.71 12.92 -3.60
N GLU B 81 2.03 13.72 -2.75
CA GLU B 81 2.72 14.76 -2.02
C GLU B 81 3.75 14.18 -1.05
N ILE B 82 3.41 13.10 -0.33
CA ILE B 82 4.40 12.46 0.55
C ILE B 82 5.56 11.90 -0.27
N ALA B 83 5.28 11.31 -1.41
CA ALA B 83 6.37 10.79 -2.26
C ALA B 83 7.32 11.92 -2.67
N LYS B 84 6.75 13.06 -3.08
CA LYS B 84 7.57 14.22 -3.43
C LYS B 84 8.42 14.66 -2.28
N ASP B 85 7.85 14.76 -1.07
CA ASP B 85 8.64 15.23 0.04
C ASP B 85 9.81 14.29 0.34
N LEU B 86 9.72 13.04 -0.02
CA LEU B 86 10.79 12.07 0.21
C LEU B 86 11.67 11.93 -1.05
N ASN B 87 11.40 12.67 -2.12
CA ASN B 87 12.15 12.49 -3.38
C ASN B 87 12.13 11.06 -3.84
N ILE B 88 10.94 10.44 -3.71
CA ILE B 88 10.68 9.13 -4.39
C ILE B 88 10.42 9.46 -5.83
N GLU B 89 11.29 9.02 -6.73
CA GLU B 89 11.30 9.58 -8.10
C GLU B 89 10.20 9.00 -8.95
N TYR B 90 9.95 7.70 -8.86
CA TYR B 90 8.99 7.01 -9.71
C TYR B 90 7.86 6.34 -8.93
N VAL B 91 6.74 6.15 -9.65
CA VAL B 91 5.62 5.35 -9.12
C VAL B 91 5.20 4.38 -10.23
N ILE B 92 4.76 3.20 -9.84
CA ILE B 92 4.03 2.29 -10.76
C ILE B 92 2.55 2.56 -10.57
N ILE B 93 1.83 2.65 -11.69
CA ILE B 93 0.39 2.85 -11.71
C ILE B 93 -0.24 1.83 -12.64
N GLY B 94 -1.40 1.25 -12.19
CA GLY B 94 -2.16 0.40 -13.12
C GLY B 94 -1.62 -0.99 -13.25
N HIS B 95 -0.66 -1.43 -12.43
CA HIS B 95 -0.17 -2.82 -12.53
C HIS B 95 -1.37 -3.79 -12.48
N PHE B 96 -1.28 -4.83 -13.29
CA PHE B 96 -2.41 -5.77 -13.36
C PHE B 96 -2.78 -6.33 -12.00
N GLU B 97 -1.82 -6.51 -11.10
CA GLU B 97 -2.22 -7.06 -9.79
C GLU B 97 -3.09 -6.11 -9.00
N ARG B 98 -2.91 -4.80 -9.20
CA ARG B 98 -3.83 -3.86 -8.57
C ARG B 98 -5.18 -3.81 -9.25
N ARG B 99 -5.21 -3.92 -10.57
CA ARG B 99 -6.50 -4.01 -11.25
C ARG B 99 -7.22 -5.30 -10.90
N LYS B 100 -6.47 -6.41 -10.70
CA LYS B 100 -7.10 -7.67 -10.45
C LYS B 100 -7.55 -7.80 -8.98
N TYR B 101 -6.64 -7.62 -8.04
CA TYR B 101 -6.99 -7.91 -6.62
C TYR B 101 -7.63 -6.69 -5.94
N PHE B 102 -7.36 -5.47 -6.42
CA PHE B 102 -7.79 -4.28 -5.67
C PHE B 102 -8.76 -3.44 -6.50
N HIS B 103 -9.26 -3.99 -7.59
CA HIS B 103 -10.30 -3.41 -8.46
C HIS B 103 -9.97 -2.00 -8.90
N GLU B 104 -8.67 -1.77 -9.16
CA GLU B 104 -8.29 -0.49 -9.70
C GLU B 104 -8.79 -0.33 -11.12
N THR B 105 -9.38 0.81 -11.43
CA THR B 105 -10.03 1.05 -12.72
C THR B 105 -9.20 2.01 -13.57
N ASP B 106 -9.57 2.14 -14.85
CA ASP B 106 -8.98 3.11 -15.71
C ASP B 106 -9.10 4.52 -15.15
N GLU B 107 -10.25 4.85 -14.53
CA GLU B 107 -10.38 6.19 -13.95
C GLU B 107 -9.40 6.37 -12.79
N ASP B 108 -9.21 5.34 -11.97
CA ASP B 108 -8.24 5.41 -10.90
C ASP B 108 -6.83 5.61 -11.48
N VAL B 109 -6.52 4.91 -12.56
CA VAL B 109 -5.20 5.10 -13.20
C VAL B 109 -5.06 6.54 -13.62
N ARG B 110 -6.05 7.13 -14.29
CA ARG B 110 -5.99 8.52 -14.69
C ARG B 110 -5.77 9.44 -13.51
N GLU B 111 -6.54 9.23 -12.43
CA GLU B 111 -6.39 10.13 -11.27
C GLU B 111 -5.06 9.98 -10.59
N LYS B 112 -4.53 8.77 -10.54
CA LYS B 112 -3.18 8.58 -9.95
C LYS B 112 -2.12 9.22 -10.83
N LEU B 113 -2.26 9.10 -12.17
CA LEU B 113 -1.25 9.76 -13.02
C LEU B 113 -1.30 11.24 -12.81
N GLN B 114 -2.52 11.78 -12.75
CA GLN B 114 -2.67 13.23 -12.56
C GLN B 114 -2.02 13.71 -11.28
N ALA B 115 -2.26 12.98 -10.19
CA ALA B 115 -1.68 13.35 -8.90
C ALA B 115 -0.16 13.21 -8.93
N SER B 116 0.32 12.19 -9.64
CA SER B 116 1.76 11.98 -9.71
C SER B 116 2.43 13.12 -10.46
N LEU B 117 1.92 13.44 -11.66
CA LEU B 117 2.53 14.50 -12.44
C LEU B 117 2.45 15.85 -11.74
N LYS B 118 1.35 16.12 -11.00
CA LYS B 118 1.26 17.38 -10.30
C LYS B 118 2.33 17.54 -9.25
N ASN B 119 2.83 16.38 -8.73
CA ASN B 119 3.88 16.37 -7.72
C ASN B 119 5.23 16.00 -8.31
N ASN B 120 5.41 16.14 -9.62
CA ASN B 120 6.74 15.94 -10.26
C ASN B 120 7.24 14.52 -10.00
N LEU B 121 6.36 13.54 -9.92
CA LEU B 121 6.73 12.14 -9.91
C LEU B 121 6.71 11.64 -11.35
N LYS B 122 7.60 10.73 -11.66
CA LYS B 122 7.60 10.08 -12.96
C LYS B 122 6.80 8.77 -12.82
N ALA B 123 6.04 8.44 -13.84
CA ALA B 123 5.06 7.35 -13.72
C ALA B 123 5.35 6.26 -14.73
N VAL B 124 5.29 5.00 -14.21
CA VAL B 124 5.40 3.78 -15.02
C VAL B 124 3.99 3.21 -15.04
N VAL B 125 3.33 3.37 -16.17
CA VAL B 125 1.88 3.14 -16.24
C VAL B 125 1.61 1.87 -17.02
N CYS B 126 0.94 0.92 -16.41
CA CYS B 126 0.76 -0.43 -16.93
C CYS B 126 -0.63 -0.68 -17.48
N PHE B 127 -0.67 -1.54 -18.51
CA PHE B 127 -1.99 -1.91 -19.10
C PHE B 127 -1.76 -3.21 -19.88
N GLY B 128 -2.80 -3.78 -20.46
CA GLY B 128 -2.65 -5.00 -21.20
C GLY B 128 -3.93 -5.83 -21.17
N GLU B 129 -4.09 -6.72 -22.17
CA GLU B 129 -5.35 -7.44 -22.37
C GLU B 129 -5.23 -8.86 -21.82
N SER B 130 -6.37 -9.43 -21.44
CA SER B 130 -6.48 -10.75 -20.89
C SER B 130 -6.46 -11.83 -21.97
N LEU B 131 -6.28 -13.08 -21.58
CA LEU B 131 -6.42 -14.22 -22.50
C LEU B 131 -7.72 -14.18 -23.29
N GLU B 132 -8.87 -13.97 -22.63
CA GLU B 132 -10.18 -13.99 -23.32
C GLU B 132 -10.24 -12.84 -24.31
N GLN B 133 -9.80 -11.65 -23.91
CA GLN B 133 -9.79 -10.52 -24.84
C GLN B 133 -8.91 -10.82 -26.04
N ARG B 134 -7.74 -11.40 -25.82
CA ARG B 134 -6.89 -11.67 -26.97
C ARG B 134 -7.49 -12.72 -27.84
N GLU B 135 -8.04 -13.77 -27.27
CA GLU B 135 -8.64 -14.82 -28.12
C GLU B 135 -9.88 -14.33 -28.83
N GLN B 136 -10.50 -13.25 -28.36
CA GLN B 136 -11.59 -12.58 -29.05
C GLN B 136 -11.06 -11.54 -30.04
N ASN B 137 -9.76 -11.44 -30.27
CA ASN B 137 -9.20 -10.47 -31.21
C ASN B 137 -9.50 -9.03 -30.81
N LYS B 138 -9.48 -8.80 -29.48
CA LYS B 138 -9.81 -7.51 -28.89
C LYS B 138 -8.57 -6.81 -28.35
N THR B 139 -7.35 -7.32 -28.59
CA THR B 139 -6.15 -6.68 -28.00
C THR B 139 -6.08 -5.19 -28.30
N ILE B 140 -6.28 -4.79 -29.54
CA ILE B 140 -6.14 -3.36 -29.85
C ILE B 140 -7.30 -2.58 -29.30
N GLU B 141 -8.55 -3.06 -29.39
CA GLU B 141 -9.64 -2.32 -28.71
C GLU B 141 -9.39 -2.12 -27.21
N VAL B 142 -8.92 -3.15 -26.52
CA VAL B 142 -8.68 -3.09 -25.08
C VAL B 142 -7.55 -2.11 -24.74
N ILE B 143 -6.42 -2.26 -25.44
CA ILE B 143 -5.29 -1.38 -25.10
C ILE B 143 -5.60 0.05 -25.46
N THR B 144 -6.36 0.27 -26.55
CA THR B 144 -6.67 1.63 -26.91
C THR B 144 -7.46 2.30 -25.80
N LYS B 145 -8.48 1.61 -25.31
CA LYS B 145 -9.31 2.20 -24.26
C LYS B 145 -8.41 2.43 -23.03
N GLN B 146 -7.59 1.43 -22.67
CA GLN B 146 -6.77 1.67 -21.47
C GLN B 146 -5.80 2.84 -21.61
N VAL B 147 -5.17 2.96 -22.76
CA VAL B 147 -4.22 4.05 -22.95
C VAL B 147 -4.96 5.36 -23.01
N LYS B 148 -6.08 5.42 -23.75
CA LYS B 148 -6.84 6.67 -23.83
C LYS B 148 -7.43 7.03 -22.49
N ALA B 149 -7.43 6.15 -21.50
CA ALA B 149 -7.90 6.63 -20.20
C ALA B 149 -7.02 7.72 -19.60
N PHE B 150 -5.74 7.76 -20.00
CA PHE B 150 -4.83 8.63 -19.27
C PHE B 150 -3.91 9.41 -20.23
N VAL B 151 -3.74 9.04 -21.47
CA VAL B 151 -2.56 9.51 -22.24
C VAL B 151 -2.59 11.02 -22.47
N ASP B 152 -3.79 11.65 -22.44
CA ASP B 152 -3.85 13.09 -22.69
C ASP B 152 -3.29 13.91 -21.54
N LEU B 153 -3.06 13.28 -20.36
CA LEU B 153 -2.41 13.97 -19.26
C LEU B 153 -0.93 14.18 -19.41
N ILE B 154 -0.28 13.43 -20.32
CA ILE B 154 1.18 13.45 -20.35
C ILE B 154 1.61 14.79 -20.94
N ASP B 155 2.40 15.54 -20.16
CA ASP B 155 2.84 16.80 -20.68
C ASP B 155 4.35 16.79 -20.93
N ASN B 156 5.04 15.71 -20.61
CA ASN B 156 6.47 15.56 -20.83
C ASN B 156 6.69 14.07 -21.12
N PHE B 157 7.17 13.72 -22.30
CA PHE B 157 7.25 12.31 -22.71
C PHE B 157 8.53 11.63 -22.27
N ASP B 158 9.34 12.26 -21.44
CA ASP B 158 10.36 11.52 -20.69
C ASP B 158 9.85 11.04 -19.32
N ASN B 159 8.80 11.66 -18.82
CA ASN B 159 8.42 11.48 -17.41
C ASN B 159 7.31 10.45 -17.21
N VAL B 160 6.74 9.95 -18.30
CA VAL B 160 5.75 8.86 -18.24
C VAL B 160 6.30 7.77 -19.14
N ILE B 161 6.31 6.56 -18.58
CA ILE B 161 6.86 5.38 -19.24
C ILE B 161 5.72 4.39 -19.29
N LEU B 162 5.41 3.84 -20.45
CA LEU B 162 4.29 2.90 -20.60
C LEU B 162 4.77 1.49 -20.43
N VAL B 163 3.91 0.58 -19.96
CA VAL B 163 4.30 -0.83 -19.83
C VAL B 163 3.17 -1.69 -20.39
N TYR B 164 3.52 -2.48 -21.41
CA TYR B 164 2.59 -3.49 -21.92
C TYR B 164 2.72 -4.78 -21.15
N GLU B 165 1.62 -5.21 -20.48
N GLU B 165 1.73 -5.12 -20.38
CA GLU B 165 1.52 -6.47 -19.71
CA GLU B 165 2.22 -6.41 -19.71
C GLU B 165 0.64 -7.46 -20.49
C GLU B 165 1.03 -7.29 -20.07
N PRO B 166 1.22 -8.49 -21.04
N PRO B 166 1.21 -8.21 -21.05
CA PRO B 166 0.40 -9.43 -21.87
CA PRO B 166 0.10 -9.10 -21.47
C PRO B 166 -0.29 -10.43 -20.94
C PRO B 166 -0.20 -9.84 -20.16
N LEU B 167 -1.43 -10.00 -20.37
N LEU B 167 -1.46 -9.86 -19.73
CA LEU B 167 -2.03 -10.83 -19.32
CA LEU B 167 -1.77 -10.36 -18.37
C LEU B 167 -2.46 -12.18 -19.86
C LEU B 167 -1.34 -11.82 -18.27
N TRP B 168 -2.77 -12.27 -21.15
N TRP B 168 -1.49 -12.49 -19.41
CA TRP B 168 -3.09 -13.54 -21.81
CA TRP B 168 -1.13 -13.89 -19.50
C TRP B 168 -1.95 -14.56 -21.72
C TRP B 168 0.39 -14.10 -19.45
N ALA B 169 -0.75 -14.17 -21.38
N ALA B 169 1.23 -13.06 -19.49
CA ALA B 169 0.48 -14.93 -21.36
CA ALA B 169 2.66 -13.29 -19.36
C ALA B 169 1.19 -14.85 -20.00
C ALA B 169 3.15 -12.95 -17.96
N ILE B 170 0.39 -14.54 -19.00
N ILE B 170 2.29 -12.61 -17.03
CA ILE B 170 0.82 -14.49 -17.62
CA ILE B 170 2.80 -12.14 -15.74
C ILE B 170 -0.22 -15.38 -16.91
C ILE B 170 2.90 -13.29 -14.74
N GLY B 171 0.37 -16.42 -16.38
N GLY B 171 4.13 -13.68 -14.40
CA GLY B 171 -0.18 -17.43 -15.53
CA GLY B 171 4.34 -14.76 -13.45
C GLY B 171 -1.18 -18.24 -16.31
C GLY B 171 4.08 -16.17 -13.94
N THR B 172 -1.03 -18.22 -17.64
N THR B 172 3.77 -16.27 -15.24
CA THR B 172 -2.07 -18.93 -18.40
CA THR B 172 3.40 -17.49 -15.88
C THR B 172 -1.50 -20.19 -19.04
C THR B 172 4.54 -18.18 -16.64
N GLY B 173 -0.18 -20.35 -18.95
N GLY B 173 5.65 -17.49 -16.87
CA GLY B 173 0.47 -21.45 -19.67
CA GLY B 173 6.74 -17.96 -17.68
C GLY B 173 0.61 -21.04 -21.13
C GLY B 173 6.41 -17.93 -19.17
N LYS B 174 0.35 -19.78 -21.48
N LYS B 174 5.17 -17.55 -19.52
CA LYS B 174 0.61 -19.20 -22.79
CA LYS B 174 4.84 -17.45 -20.93
C LYS B 174 1.97 -18.46 -22.77
C LYS B 174 4.99 -16.00 -21.33
N THR B 175 2.63 -18.40 -23.93
N THR B 175 6.12 -15.72 -21.96
CA THR B 175 3.87 -17.72 -24.19
CA THR B 175 6.20 -14.28 -22.26
C THR B 175 3.83 -16.59 -25.20
C THR B 175 5.86 -14.16 -23.73
N ALA B 176 4.16 -15.34 -24.82
N ALA B 176 5.51 -12.94 -24.14
CA ALA B 176 4.32 -14.33 -25.84
CA ALA B 176 5.03 -12.74 -25.51
C ALA B 176 5.72 -14.40 -26.43
C ALA B 176 6.19 -13.20 -26.39
N THR B 177 5.77 -14.14 -27.74
N THR B 177 5.90 -13.83 -27.54
CA THR B 177 7.05 -14.03 -28.42
C THR B 177 7.50 -12.58 -28.66
N PRO B 178 8.77 -12.34 -28.93
CA PRO B 178 9.25 -10.98 -29.25
C PRO B 178 8.50 -10.32 -30.40
N GLU B 179 8.19 -11.14 -31.41
CA GLU B 179 7.40 -10.65 -32.52
C GLU B 179 6.00 -10.21 -32.11
N GLN B 180 5.32 -11.00 -31.26
CA GLN B 180 3.98 -10.63 -30.80
C GLN B 180 4.04 -9.35 -29.98
N ALA B 181 5.13 -9.23 -29.18
CA ALA B 181 5.19 -8.09 -28.29
C ALA B 181 5.48 -6.85 -29.11
N GLN B 182 6.43 -6.97 -30.07
CA GLN B 182 6.78 -5.88 -30.97
C GLN B 182 5.52 -5.36 -31.67
N LEU B 183 4.65 -6.24 -32.15
CA LEU B 183 3.45 -5.70 -32.80
C LEU B 183 2.60 -4.89 -31.85
N VAL B 184 2.48 -5.35 -30.62
CA VAL B 184 1.60 -4.55 -29.71
C VAL B 184 2.28 -3.24 -29.41
N HIS B 185 3.61 -3.29 -29.18
CA HIS B 185 4.29 -2.03 -28.90
C HIS B 185 4.19 -1.03 -30.04
N LYS B 186 4.30 -1.49 -31.29
CA LYS B 186 4.09 -0.59 -32.44
C LYS B 186 2.73 0.10 -32.42
N GLU B 187 1.71 -0.66 -32.04
CA GLU B 187 0.36 -0.12 -32.00
C GLU B 187 0.15 0.81 -30.82
N ILE B 188 0.82 0.45 -29.68
CA ILE B 188 0.78 1.41 -28.57
C ILE B 188 1.37 2.72 -29.02
N ARG B 189 2.56 2.67 -29.67
CA ARG B 189 3.20 3.88 -30.08
C ARG B 189 2.29 4.58 -31.12
N LYS B 190 1.57 3.87 -31.99
CA LYS B 190 0.58 4.45 -32.91
C LYS B 190 -0.52 5.20 -32.16
N ILE B 191 -1.00 4.66 -31.05
CA ILE B 191 -2.02 5.39 -30.26
C ILE B 191 -1.47 6.68 -29.72
N VAL B 192 -0.25 6.63 -29.17
CA VAL B 192 0.35 7.84 -28.64
C VAL B 192 0.49 8.87 -29.74
N LYS B 193 0.92 8.40 -30.91
CA LYS B 193 0.99 9.21 -32.11
C LYS B 193 -0.33 9.89 -32.42
N ASP B 194 -1.36 9.08 -32.55
CA ASP B 194 -2.73 9.50 -32.86
C ASP B 194 -3.18 10.61 -31.91
N THR B 195 -2.87 10.35 -30.63
CA THR B 195 -3.42 11.15 -29.54
C THR B 195 -2.51 12.29 -29.15
N CYS B 196 -1.20 12.08 -29.24
CA CYS B 196 -0.31 13.09 -28.71
C CYS B 196 0.69 13.62 -29.73
N GLY B 197 0.85 13.04 -30.90
CA GLY B 197 1.77 13.53 -31.91
C GLY B 197 3.01 12.69 -32.12
N GLU B 198 3.64 12.82 -33.29
CA GLU B 198 4.68 11.90 -33.72
C GLU B 198 5.96 12.01 -32.92
N LYS B 199 6.45 13.20 -32.64
CA LYS B 199 7.63 13.37 -31.83
C LYS B 199 7.49 12.78 -30.43
N GLN B 200 6.32 13.09 -29.88
CA GLN B 200 6.02 12.65 -28.51
C GLN B 200 6.01 11.14 -28.49
N ALA B 201 5.41 10.55 -29.53
CA ALA B 201 5.33 9.10 -29.64
C ALA B 201 6.72 8.50 -29.83
N ASN B 202 7.56 9.24 -30.54
CA ASN B 202 8.88 8.64 -30.80
C ASN B 202 9.78 8.85 -29.60
N GLN B 203 9.41 9.72 -28.66
CA GLN B 203 10.17 9.93 -27.46
C GLN B 203 9.80 8.96 -26.33
N ILE B 204 8.51 8.65 -26.19
CA ILE B 204 8.09 7.92 -25.00
C ILE B 204 8.66 6.50 -24.93
N ARG B 205 9.04 6.07 -23.73
CA ARG B 205 9.46 4.68 -23.54
C ARG B 205 8.25 3.77 -23.37
N ILE B 206 8.28 2.63 -24.07
CA ILE B 206 7.26 1.56 -23.95
C ILE B 206 7.98 0.29 -23.59
N LEU B 207 7.82 -0.10 -22.35
CA LEU B 207 8.46 -1.29 -21.80
C LEU B 207 7.58 -2.51 -21.99
N TYR B 208 8.29 -3.65 -22.08
CA TYR B 208 7.60 -4.92 -22.00
C TYR B 208 7.54 -5.43 -20.57
N GLY B 209 6.34 -5.85 -20.14
N GLY B 209 6.37 -5.88 -20.14
CA GLY B 209 5.97 -6.23 -18.78
CA GLY B 209 6.43 -6.57 -18.83
C GLY B 209 5.52 -7.67 -18.55
C GLY B 209 5.89 -7.98 -19.09
N GLY B 210 5.73 -8.55 -19.55
N GLY B 210 6.31 -8.96 -18.31
CA GLY B 210 5.45 -9.98 -19.48
CA GLY B 210 5.62 -10.24 -18.36
C GLY B 210 6.68 -10.61 -18.83
C GLY B 210 6.60 -11.35 -18.68
N SER B 211 6.84 -11.91 -18.96
N SER B 211 7.15 -11.86 -17.57
CA SER B 211 7.86 -12.67 -18.27
CA SER B 211 8.21 -12.80 -17.59
C SER B 211 9.28 -12.35 -18.77
C SER B 211 9.29 -12.44 -18.64
N VAL B 212 10.11 -11.59 -18.09
CA VAL B 212 11.43 -11.26 -18.60
C VAL B 212 12.47 -11.97 -17.76
N ASN B 213 13.46 -12.58 -18.42
CA ASN B 213 14.52 -13.26 -17.65
C ASN B 213 15.83 -13.10 -18.40
N THR B 214 16.92 -13.64 -17.85
CA THR B 214 18.21 -13.41 -18.54
C THR B 214 18.28 -14.05 -19.91
N GLU B 215 17.47 -15.10 -20.17
CA GLU B 215 17.52 -15.77 -21.46
C GLU B 215 16.79 -14.96 -22.51
N ASN B 216 15.60 -14.39 -22.22
CA ASN B 216 14.79 -13.80 -23.32
C ASN B 216 14.98 -12.30 -23.40
N CYS B 217 15.72 -11.66 -22.46
CA CYS B 217 15.67 -10.21 -22.41
C CYS B 217 16.22 -9.60 -23.69
N SER B 218 17.34 -10.13 -24.25
CA SER B 218 17.82 -9.44 -25.41
C SER B 218 16.89 -9.51 -26.67
N SER B 219 16.27 -10.69 -26.81
CA SER B 219 15.34 -10.86 -27.95
C SER B 219 14.24 -9.83 -27.86
N LEU B 220 13.85 -9.44 -26.65
CA LEU B 220 12.80 -8.44 -26.49
C LEU B 220 13.34 -7.02 -26.73
N ILE B 221 14.39 -6.64 -26.05
CA ILE B 221 14.80 -5.23 -26.09
C ILE B 221 15.36 -4.90 -27.46
N GLN B 222 15.82 -5.87 -28.24
CA GLN B 222 16.31 -5.54 -29.58
C GLN B 222 15.13 -5.26 -30.55
N GLN B 223 13.89 -5.50 -30.13
CA GLN B 223 12.77 -5.14 -31.03
C GLN B 223 12.67 -3.62 -31.12
N GLU B 224 12.28 -3.08 -32.27
CA GLU B 224 12.33 -1.65 -32.56
C GLU B 224 11.52 -0.84 -31.56
N ASP B 225 10.37 -1.34 -31.12
CA ASP B 225 9.47 -0.48 -30.30
C ASP B 225 9.41 -0.93 -28.86
N ILE B 226 10.33 -1.82 -28.44
CA ILE B 226 10.46 -2.26 -27.05
C ILE B 226 11.68 -1.56 -26.44
N ASP B 227 11.42 -0.73 -25.42
CA ASP B 227 12.45 0.16 -24.93
C ASP B 227 13.03 -0.23 -23.58
N GLY B 228 12.70 -1.42 -23.12
CA GLY B 228 13.13 -1.90 -21.79
C GLY B 228 12.04 -2.76 -21.20
N PHE B 229 12.08 -2.92 -19.89
CA PHE B 229 11.26 -3.92 -19.25
C PHE B 229 10.86 -3.49 -17.85
N LEU B 230 9.69 -3.98 -17.42
CA LEU B 230 9.34 -4.02 -16.00
C LEU B 230 9.48 -5.49 -15.62
N VAL B 231 10.48 -5.80 -14.78
CA VAL B 231 10.87 -7.18 -14.49
C VAL B 231 10.40 -7.60 -13.13
N GLY B 232 9.76 -8.74 -13.06
CA GLY B 232 9.19 -9.23 -11.80
C GLY B 232 10.18 -10.15 -11.14
N ASN B 233 9.89 -11.44 -11.15
CA ASN B 233 10.65 -12.38 -10.32
C ASN B 233 12.13 -12.40 -10.67
N ALA B 234 12.55 -12.19 -11.89
CA ALA B 234 13.98 -12.21 -12.21
C ALA B 234 14.75 -11.05 -11.54
N SER B 235 14.04 -10.02 -11.06
CA SER B 235 14.69 -8.84 -10.52
C SER B 235 15.03 -9.07 -9.03
N LEU B 236 14.59 -10.23 -8.49
CA LEU B 236 14.94 -10.61 -7.14
C LEU B 236 16.23 -11.41 -7.09
N LYS B 237 16.86 -11.64 -8.23
CA LYS B 237 18.10 -12.42 -8.32
C LYS B 237 19.28 -11.52 -8.60
N GLU B 238 20.48 -11.96 -8.14
CA GLU B 238 21.69 -11.19 -8.50
C GLU B 238 21.90 -11.14 -9.99
N SER B 239 21.43 -12.17 -10.72
CA SER B 239 21.62 -12.17 -12.18
C SER B 239 20.76 -11.14 -12.91
N PHE B 240 19.93 -10.38 -12.19
CA PHE B 240 19.25 -9.23 -12.79
C PHE B 240 20.27 -8.32 -13.45
N VAL B 241 21.52 -8.26 -12.99
CA VAL B 241 22.49 -7.41 -13.68
C VAL B 241 22.67 -7.79 -15.13
N ASP B 242 22.48 -9.08 -15.46
CA ASP B 242 22.61 -9.45 -16.88
C ASP B 242 21.43 -8.92 -17.71
N ILE B 243 20.24 -8.74 -17.07
CA ILE B 243 19.12 -8.12 -17.75
C ILE B 243 19.43 -6.66 -18.00
N ILE B 244 20.00 -5.98 -16.99
CA ILE B 244 20.42 -4.60 -17.23
C ILE B 244 21.44 -4.53 -18.35
N LYS B 245 22.42 -5.48 -18.38
CA LYS B 245 23.43 -5.45 -19.45
C LYS B 245 22.82 -5.54 -20.84
N SER B 246 21.65 -6.20 -21.00
CA SER B 246 21.05 -6.27 -22.34
C SER B 246 20.65 -4.88 -22.86
N ALA B 247 20.49 -3.91 -21.95
CA ALA B 247 20.17 -2.54 -22.28
C ALA B 247 21.35 -1.60 -22.33
N MET B 248 22.56 -2.11 -22.14
CA MET B 248 23.77 -1.30 -22.07
C MET B 248 24.50 -1.28 -23.40
#